data_2ACK
#
_entry.id   2ACK
#
_cell.length_a   112.409
_cell.length_b   112.409
_cell.length_c   136.550
_cell.angle_alpha   90.00
_cell.angle_beta   90.00
_cell.angle_gamma   120.00
#
_symmetry.space_group_name_H-M   'P 31 2 1'
#
loop_
_entity.id
_entity.type
_entity.pdbx_description
1 polymer ACETYLCHOLINESTERASE
2 non-polymer 'EDROPHONIUM ION'
3 water water
#
_entity_poly.entity_id   1
_entity_poly.type   'polypeptide(L)'
_entity_poly.pdbx_seq_one_letter_code
;DDHSELLVNTKSGKVMGTRVPVLSSHISAFLGIPFAEPPVGNMRFRRPEPKKPWSGVWNASTYPNNCQQYVDEQFPGFSG
SEMWNPNREMSEDCLYLNIWVPSPRPKSTTVMVWIYGGGFYSGSSTLDVYNGKYLAYTEEVVLVSLSYRVGAFGFLALHG
SQEAPGNVGLLDQRMALQWVHDNIQFFGGDPKTVTIFGESAGGASVGMHILSPGSRDLFRRAILQSGSPNCPWASVSVAE
GRRRAVELGRNLNCNLNSDEELIHCLREKKPQELIDVEWNVLPFDSIFRFSFVPVIDGEFFPTSLESMLNSGNFKKTQIL
LGVNKDEGSFFLLYGAPGFSKDSESKISREDFMSGVKLSVPHANDLGLDAVTLQYTDWMDDNNGIKNRDGLDDIVGDHNV
ICPLMHFVNKYTKFGNGTYLYFFNHRASNLVWPEWMGVIHGYEIEFVFGLPLVKELNYTAEEEALSRRIMHYWATFAKTG
NPNEPHSQESKWPLFTTKEQKFIDLNTEPMKVHQRLRVQMCVFWNQFLPKLLNATAC
;
_entity_poly.pdbx_strand_id   A
#
loop_
_chem_comp.id
_chem_comp.type
_chem_comp.name
_chem_comp.formula
EDR non-polymer 'EDROPHONIUM ION' 'C10 H16 N O 1'
#
# COMPACT_ATOMS: atom_id res chain seq x y z
N SER A 4 -5.66 22.63 27.63
CA SER A 4 -4.49 22.58 26.69
C SER A 4 -4.83 21.85 25.39
N GLU A 5 -4.34 22.42 24.30
CA GLU A 5 -4.50 21.91 22.96
C GLU A 5 -3.79 20.58 22.72
N LEU A 6 -2.89 20.18 23.61
CA LEU A 6 -2.16 18.93 23.48
C LEU A 6 -2.75 17.87 24.40
N LEU A 7 -3.75 18.25 25.19
CA LEU A 7 -4.39 17.25 26.03
C LEU A 7 -5.73 16.95 25.38
N VAL A 8 -5.96 15.67 25.08
CA VAL A 8 -7.21 15.30 24.43
C VAL A 8 -7.84 14.17 25.24
N ASN A 9 -9.16 14.30 25.41
CA ASN A 9 -9.87 13.27 26.16
C ASN A 9 -10.54 12.33 25.17
N THR A 10 -10.32 11.04 25.29
CA THR A 10 -10.96 10.15 24.33
C THR A 10 -11.72 9.08 25.11
N LYS A 11 -12.48 8.28 24.40
CA LYS A 11 -13.23 7.19 25.01
C LYS A 11 -12.31 6.09 25.50
N SER A 12 -11.01 6.22 25.25
CA SER A 12 -10.06 5.18 25.68
C SER A 12 -9.22 5.70 26.84
N GLY A 13 -9.20 7.01 27.01
CA GLY A 13 -8.44 7.60 28.10
C GLY A 13 -7.92 8.96 27.63
N LYS A 14 -7.23 9.66 28.51
CA LYS A 14 -6.70 10.96 28.11
C LYS A 14 -5.35 10.70 27.43
N VAL A 15 -5.05 11.54 26.45
CA VAL A 15 -3.86 11.44 25.65
C VAL A 15 -3.13 12.78 25.66
N MET A 16 -1.80 12.71 25.77
CA MET A 16 -1.05 13.96 25.74
C MET A 16 -0.14 13.96 24.51
N GLY A 17 -0.41 14.91 23.63
CA GLY A 17 0.33 15.07 22.41
C GLY A 17 1.58 15.91 22.67
N THR A 18 2.11 16.44 21.59
CA THR A 18 3.31 17.26 21.60
C THR A 18 3.19 18.29 20.50
N ARG A 19 3.80 19.46 20.69
CA ARG A 19 3.69 20.51 19.67
C ARG A 19 4.83 20.31 18.68
N VAL A 20 4.55 20.21 17.39
CA VAL A 20 5.65 20.03 16.44
C VAL A 20 5.73 21.20 15.47
N PRO A 21 6.95 21.65 15.25
CA PRO A 21 7.22 22.72 14.31
C PRO A 21 6.98 22.19 12.92
N VAL A 22 6.42 23.02 12.07
CA VAL A 22 6.10 22.69 10.71
C VAL A 22 6.34 23.97 9.89
N LEU A 23 7.25 23.86 8.94
CA LEU A 23 7.56 25.05 8.14
C LEU A 23 7.76 26.20 9.13
N SER A 24 7.11 27.33 8.95
CA SER A 24 7.31 28.44 9.89
C SER A 24 6.27 28.54 10.99
N SER A 25 5.63 27.45 11.36
CA SER A 25 4.58 27.40 12.34
C SER A 25 4.70 26.12 13.17
N HIS A 26 3.60 25.69 13.76
CA HIS A 26 3.59 24.48 14.55
C HIS A 26 2.20 23.83 14.45
N ILE A 27 2.10 22.59 14.89
CA ILE A 27 0.86 21.87 14.91
C ILE A 27 1.00 20.84 16.03
N SER A 28 -0.13 20.17 16.29
CA SER A 28 -0.12 19.20 17.37
C SER A 28 0.06 17.80 16.78
N ALA A 29 0.69 16.95 17.56
CA ALA A 29 0.92 15.58 17.13
C ALA A 29 0.67 14.66 18.33
N PHE A 30 -0.10 13.63 18.05
CA PHE A 30 -0.43 12.63 19.06
C PHE A 30 0.20 11.40 18.45
N LEU A 31 1.39 11.08 18.94
CA LEU A 31 2.10 9.95 18.34
C LEU A 31 2.04 8.72 19.20
N GLY A 32 1.81 7.59 18.53
CA GLY A 32 1.78 6.34 19.25
C GLY A 32 0.58 6.06 20.13
N ILE A 33 -0.62 6.33 19.63
CA ILE A 33 -1.80 5.99 20.43
C ILE A 33 -2.13 4.54 20.20
N PRO A 34 -2.26 3.72 21.22
CA PRO A 34 -2.62 2.33 21.07
C PRO A 34 -4.06 2.21 20.62
N PHE A 35 -4.40 1.34 19.68
CA PHE A 35 -5.78 1.22 19.24
C PHE A 35 -6.22 -0.24 19.38
N ALA A 36 -5.35 -1.02 20.00
CA ALA A 36 -5.66 -2.43 20.22
C ALA A 36 -4.80 -3.00 21.34
N GLU A 37 -5.12 -4.20 21.80
CA GLU A 37 -4.24 -4.83 22.78
C GLU A 37 -3.01 -5.35 22.03
N PRO A 38 -1.83 -5.25 22.59
CA PRO A 38 -0.60 -5.74 21.97
C PRO A 38 -0.78 -7.17 21.55
N PRO A 39 -0.61 -7.50 20.28
CA PRO A 39 -0.82 -8.84 19.78
C PRO A 39 0.35 -9.78 20.02
N VAL A 40 0.83 -9.83 21.25
CA VAL A 40 1.94 -10.67 21.65
C VAL A 40 1.48 -11.95 22.34
N GLY A 41 2.48 -12.76 22.67
CA GLY A 41 2.27 -14.05 23.32
C GLY A 41 1.30 -14.91 22.54
N ASN A 42 0.33 -15.49 23.25
CA ASN A 42 -0.65 -16.34 22.58
C ASN A 42 -1.63 -15.54 21.74
N MET A 43 -1.47 -14.23 21.65
CA MET A 43 -2.31 -13.38 20.80
C MET A 43 -1.75 -13.33 19.38
N ARG A 44 -0.49 -13.76 19.24
CA ARG A 44 0.16 -13.74 17.94
C ARG A 44 -0.70 -14.51 16.93
N PHE A 45 -0.96 -13.90 15.78
CA PHE A 45 -1.77 -14.47 14.72
C PHE A 45 -3.27 -14.27 14.95
N ARG A 46 -3.69 -13.88 16.15
CA ARG A 46 -5.08 -13.67 16.48
C ARG A 46 -5.64 -12.33 15.99
N ARG A 47 -6.96 -12.31 15.83
CA ARG A 47 -7.61 -11.04 15.47
C ARG A 47 -7.25 -10.05 16.56
N PRO A 48 -7.13 -8.78 16.25
CA PRO A 48 -6.81 -7.79 17.26
C PRO A 48 -7.95 -7.61 18.26
N GLU A 49 -7.61 -7.15 19.44
CA GLU A 49 -8.56 -6.91 20.52
C GLU A 49 -8.54 -5.40 20.76
N PRO A 50 -9.70 -4.82 20.96
CA PRO A 50 -9.81 -3.39 21.25
C PRO A 50 -8.93 -3.07 22.43
N LYS A 51 -8.30 -1.91 22.41
CA LYS A 51 -7.42 -1.55 23.52
C LYS A 51 -8.18 -1.21 24.79
N LYS A 52 -7.89 -1.92 25.87
CA LYS A 52 -8.53 -1.65 27.15
C LYS A 52 -8.28 -0.19 27.51
N PRO A 53 -9.35 0.52 27.83
CA PRO A 53 -9.25 1.92 28.22
C PRO A 53 -8.19 2.07 29.29
N TRP A 54 -7.51 3.20 29.32
CA TRP A 54 -6.46 3.34 30.33
C TRP A 54 -6.76 4.50 31.27
N SER A 55 -5.99 4.53 32.36
CA SER A 55 -6.19 5.62 33.32
C SER A 55 -4.93 6.49 33.31
N GLY A 56 -5.19 7.77 33.51
CA GLY A 56 -4.08 8.74 33.52
C GLY A 56 -3.89 9.21 32.08
N VAL A 57 -2.89 10.04 31.88
CA VAL A 57 -2.61 10.57 30.55
C VAL A 57 -1.64 9.67 29.81
N TRP A 58 -2.02 9.33 28.58
CA TRP A 58 -1.19 8.49 27.75
C TRP A 58 -0.21 9.45 27.07
N ASN A 59 1.08 9.21 27.23
CA ASN A 59 2.09 10.08 26.59
C ASN A 59 2.14 9.77 25.11
N ALA A 60 1.70 10.68 24.27
CA ALA A 60 1.68 10.48 22.83
C ALA A 60 2.63 11.48 22.17
N SER A 61 3.78 11.64 22.81
CA SER A 61 4.73 12.60 22.26
C SER A 61 5.79 11.93 21.40
N THR A 62 5.89 10.61 21.37
CA THR A 62 6.94 10.00 20.56
C THR A 62 6.44 8.79 19.76
N TYR A 63 6.99 8.68 18.54
CA TYR A 63 6.63 7.58 17.68
C TYR A 63 6.70 6.24 18.39
N PRO A 64 5.82 5.32 18.00
CA PRO A 64 5.80 3.99 18.50
C PRO A 64 6.76 3.03 17.80
N ASN A 65 6.80 1.77 18.25
CA ASN A 65 7.56 0.73 17.63
C ASN A 65 6.92 0.37 16.29
N ASN A 66 7.73 -0.25 15.45
CA ASN A 66 7.27 -0.67 14.14
C ASN A 66 7.01 -2.18 14.28
N CYS A 67 6.16 -2.73 13.45
CA CYS A 67 5.89 -4.15 13.53
C CYS A 67 7.11 -4.92 13.03
N GLN A 68 7.27 -6.12 13.56
CA GLN A 68 8.29 -7.05 13.17
C GLN A 68 8.20 -7.25 11.66
N GLN A 69 9.30 -7.03 10.96
CA GLN A 69 9.30 -7.21 9.53
C GLN A 69 10.70 -7.41 8.93
N TYR A 70 10.67 -7.98 7.73
CA TYR A 70 11.87 -8.22 6.96
C TYR A 70 12.52 -6.86 6.74
N VAL A 71 13.79 -6.72 7.03
CA VAL A 71 14.51 -5.47 6.87
C VAL A 71 15.33 -5.51 5.59
N ASP A 72 15.20 -4.56 4.70
CA ASP A 72 15.91 -4.54 3.44
C ASP A 72 17.38 -4.16 3.70
N GLU A 73 18.26 -5.15 3.50
CA GLU A 73 19.68 -4.90 3.68
C GLU A 73 20.44 -5.04 2.37
N GLN A 74 19.72 -5.03 1.27
CA GLN A 74 20.29 -5.16 -0.06
C GLN A 74 21.27 -4.05 -0.41
N PHE A 75 21.19 -2.86 0.13
CA PHE A 75 22.04 -1.73 -0.16
C PHE A 75 22.38 -0.98 1.12
N PRO A 76 23.13 -1.62 2.00
CA PRO A 76 23.54 -1.05 3.27
C PRO A 76 23.97 0.39 3.18
N GLY A 77 23.37 1.20 4.03
CA GLY A 77 23.65 2.63 4.07
C GLY A 77 23.10 3.42 2.89
N PHE A 78 22.50 2.79 1.90
CA PHE A 78 21.96 3.53 0.75
C PHE A 78 20.58 4.09 1.12
N SER A 79 20.40 5.39 1.02
CA SER A 79 19.12 5.98 1.46
C SER A 79 17.96 5.56 0.57
N GLY A 80 18.18 5.34 -0.72
CA GLY A 80 17.10 4.92 -1.59
C GLY A 80 16.32 3.77 -0.98
N SER A 81 16.99 2.89 -0.22
CA SER A 81 16.26 1.74 0.29
C SER A 81 16.10 1.74 1.79
N GLU A 82 17.00 2.41 2.48
CA GLU A 82 16.94 2.43 3.94
C GLU A 82 15.82 3.32 4.45
N MET A 83 15.42 4.30 3.65
CA MET A 83 14.36 5.22 4.00
C MET A 83 13.02 4.47 4.14
N TRP A 84 12.92 3.29 3.56
CA TRP A 84 11.75 2.45 3.63
C TRP A 84 11.82 1.48 4.80
N ASN A 85 12.98 1.36 5.41
CA ASN A 85 13.14 0.42 6.51
C ASN A 85 12.66 0.99 7.84
N PRO A 86 12.35 0.09 8.76
CA PRO A 86 11.93 0.50 10.07
C PRO A 86 12.90 1.48 10.67
N ASN A 87 12.46 2.62 11.16
CA ASN A 87 13.33 3.60 11.79
C ASN A 87 13.13 3.66 13.30
N ARG A 88 12.50 2.67 13.91
CA ARG A 88 12.29 2.62 15.35
C ARG A 88 12.43 1.18 15.79
N GLU A 89 12.60 0.89 17.08
CA GLU A 89 12.71 -0.50 17.48
C GLU A 89 11.54 -1.28 16.87
N MET A 90 11.80 -2.52 16.48
CA MET A 90 10.75 -3.35 15.91
C MET A 90 10.13 -4.11 17.07
N SER A 91 8.83 -4.36 17.00
CA SER A 91 8.19 -5.08 18.09
C SER A 91 6.84 -5.64 17.71
N GLU A 92 6.49 -6.74 18.37
CA GLU A 92 5.16 -7.31 18.09
C GLU A 92 4.12 -6.33 18.64
N ASP A 93 4.52 -5.56 19.65
CA ASP A 93 3.67 -4.54 20.23
C ASP A 93 3.78 -3.32 19.33
N CYS A 94 3.08 -3.36 18.21
CA CYS A 94 3.16 -2.22 17.31
C CYS A 94 1.84 -1.68 16.82
N LEU A 95 0.72 -2.08 17.48
CA LEU A 95 -0.56 -1.53 16.97
C LEU A 95 -0.83 -0.16 17.58
N TYR A 96 -0.36 0.89 16.92
CA TYR A 96 -0.50 2.26 17.37
C TYR A 96 -0.83 3.15 16.17
N LEU A 97 -1.32 4.34 16.47
CA LEU A 97 -1.70 5.27 15.40
C LEU A 97 -1.13 6.63 15.75
N ASN A 98 -0.99 7.48 14.77
CA ASN A 98 -0.42 8.79 14.96
C ASN A 98 -1.35 9.81 14.33
N ILE A 99 -1.50 10.92 15.03
CA ILE A 99 -2.39 11.95 14.54
C ILE A 99 -1.76 13.32 14.47
N TRP A 100 -1.90 13.97 13.34
CA TRP A 100 -1.38 15.31 13.20
C TRP A 100 -2.66 16.18 13.15
N VAL A 101 -2.70 17.17 14.02
CA VAL A 101 -3.83 18.07 14.10
C VAL A 101 -3.43 19.54 13.97
N PRO A 102 -4.11 20.24 13.08
CA PRO A 102 -3.89 21.66 12.90
C PRO A 102 -4.00 22.43 14.22
N SER A 103 -3.30 23.55 14.27
CA SER A 103 -3.28 24.40 15.47
C SER A 103 -3.75 25.79 15.09
N PRO A 104 -4.82 26.31 15.64
CA PRO A 104 -5.62 25.84 16.72
C PRO A 104 -6.41 24.59 16.30
N ARG A 105 -6.62 23.68 17.24
CA ARG A 105 -7.37 22.45 16.95
C ARG A 105 -8.68 22.79 16.25
N PRO A 106 -8.92 22.17 15.11
CA PRO A 106 -10.13 22.38 14.34
C PRO A 106 -11.37 21.89 15.07
N LYS A 107 -12.57 22.12 14.55
CA LYS A 107 -13.76 21.66 15.27
C LYS A 107 -14.31 20.40 14.63
N SER A 108 -14.35 20.43 13.31
CA SER A 108 -14.86 19.27 12.58
C SER A 108 -14.27 19.28 11.18
N THR A 109 -13.00 18.89 11.08
CA THR A 109 -12.46 18.92 9.71
C THR A 109 -12.20 17.55 9.11
N THR A 110 -11.92 17.59 7.81
CA THR A 110 -11.61 16.39 7.05
C THR A 110 -10.47 15.58 7.69
N VAL A 111 -10.76 14.29 7.74
CA VAL A 111 -9.80 13.35 8.29
C VAL A 111 -9.23 12.50 7.15
N MET A 112 -7.90 12.36 7.22
CA MET A 112 -7.17 11.55 6.23
C MET A 112 -6.41 10.47 6.98
N VAL A 113 -6.70 9.23 6.63
CA VAL A 113 -6.08 8.08 7.28
C VAL A 113 -5.18 7.35 6.28
N TRP A 114 -3.89 7.44 6.57
CA TRP A 114 -2.83 6.83 5.76
C TRP A 114 -2.57 5.39 6.14
N ILE A 115 -2.59 4.53 5.14
CA ILE A 115 -2.29 3.10 5.29
C ILE A 115 -1.02 2.78 4.48
N TYR A 116 0.06 2.52 5.22
CA TYR A 116 1.33 2.24 4.51
C TYR A 116 1.33 0.96 3.69
N GLY A 117 2.00 1.06 2.53
CA GLY A 117 2.18 -0.12 1.67
C GLY A 117 3.48 -0.83 2.07
N GLY A 118 3.93 -1.77 1.25
CA GLY A 118 5.15 -2.56 1.46
C GLY A 118 4.91 -4.04 1.22
N GLY A 119 4.11 -4.42 0.25
CA GLY A 119 3.86 -5.82 -0.07
C GLY A 119 3.27 -6.70 1.02
N PHE A 120 2.77 -6.10 2.08
CA PHE A 120 2.13 -6.78 3.20
C PHE A 120 3.20 -7.48 4.05
N TYR A 121 4.48 -7.31 3.67
CA TYR A 121 5.52 -7.96 4.46
C TYR A 121 6.32 -6.95 5.24
N SER A 122 6.25 -5.69 4.82
CA SER A 122 6.98 -4.65 5.51
C SER A 122 6.13 -3.38 5.59
N GLY A 123 6.62 -2.36 6.25
CA GLY A 123 5.84 -1.13 6.31
C GLY A 123 5.92 -0.56 7.73
N SER A 124 5.93 0.75 7.79
CA SER A 124 6.06 1.46 9.04
C SER A 124 5.33 2.79 8.89
N SER A 125 4.67 3.19 9.97
CA SER A 125 3.91 4.44 9.93
C SER A 125 4.80 5.62 10.29
N THR A 126 5.96 5.27 10.84
CA THR A 126 6.90 6.27 11.35
C THR A 126 7.93 6.75 10.36
N LEU A 127 7.90 6.30 9.12
CA LEU A 127 8.86 6.76 8.14
C LEU A 127 8.79 8.27 7.96
N ASP A 128 9.97 8.83 7.67
CA ASP A 128 10.07 10.24 7.34
C ASP A 128 9.17 10.61 6.17
N VAL A 129 9.04 9.79 5.13
CA VAL A 129 8.21 10.20 4.02
C VAL A 129 6.71 10.22 4.37
N TYR A 130 6.34 9.61 5.48
CA TYR A 130 4.97 9.52 5.94
C TYR A 130 4.64 10.55 7.02
N ASN A 131 5.46 11.57 7.19
CA ASN A 131 5.25 12.59 8.21
C ASN A 131 4.06 13.47 7.86
N GLY A 132 2.93 13.26 8.55
CA GLY A 132 1.70 13.97 8.23
C GLY A 132 1.65 15.45 8.54
N LYS A 133 2.64 16.00 9.23
CA LYS A 133 2.64 17.41 9.58
C LYS A 133 2.54 18.34 8.39
N TYR A 134 3.22 18.14 7.27
CA TYR A 134 3.10 19.11 6.19
C TYR A 134 1.70 19.11 5.59
N LEU A 135 1.12 17.93 5.47
CA LEU A 135 -0.21 17.81 4.88
C LEU A 135 -1.27 18.34 5.83
N ALA A 136 -1.18 17.91 7.10
CA ALA A 136 -2.12 18.37 8.11
C ALA A 136 -2.13 19.89 8.11
N TYR A 137 -0.91 20.40 8.30
CA TYR A 137 -0.69 21.84 8.37
C TYR A 137 -1.08 22.60 7.12
N THR A 138 -0.71 22.12 5.95
CA THR A 138 -0.99 22.84 4.70
C THR A 138 -2.43 22.79 4.27
N GLU A 139 -3.07 21.64 4.46
CA GLU A 139 -4.44 21.50 3.96
C GLU A 139 -5.47 21.50 5.08
N GLU A 140 -5.06 21.82 6.30
CA GLU A 140 -5.99 21.86 7.41
C GLU A 140 -6.84 20.60 7.46
N VAL A 141 -6.15 19.46 7.51
CA VAL A 141 -6.84 18.19 7.62
C VAL A 141 -6.28 17.53 8.87
N VAL A 142 -7.05 16.63 9.45
CA VAL A 142 -6.55 15.88 10.60
C VAL A 142 -5.88 14.67 9.90
N LEU A 143 -4.56 14.52 10.08
CA LEU A 143 -3.92 13.42 9.39
C LEU A 143 -3.65 12.27 10.34
N VAL A 144 -4.20 11.12 9.98
CA VAL A 144 -3.99 9.94 10.81
C VAL A 144 -3.16 8.88 10.05
N SER A 145 -2.23 8.26 10.76
CA SER A 145 -1.44 7.21 10.08
C SER A 145 -1.60 6.01 10.99
N LEU A 146 -1.98 4.87 10.42
CA LEU A 146 -2.14 3.71 11.31
C LEU A 146 -1.00 2.69 11.05
N SER A 147 -1.01 1.64 11.86
CA SER A 147 -0.08 0.56 11.66
C SER A 147 -0.87 -0.75 11.69
N TYR A 148 -0.33 -1.73 10.99
CA TYR A 148 -0.88 -3.06 10.97
C TYR A 148 0.27 -4.07 10.88
N ARG A 149 -0.07 -5.22 11.44
CA ARG A 149 0.83 -6.35 11.44
C ARG A 149 1.10 -6.78 10.00
N VAL A 150 2.38 -6.96 9.70
CA VAL A 150 2.77 -7.39 8.35
C VAL A 150 3.40 -8.76 8.48
N GLY A 151 3.69 -9.35 7.34
CA GLY A 151 4.32 -10.65 7.27
C GLY A 151 3.40 -11.72 7.84
N ALA A 152 4.02 -12.79 8.34
CA ALA A 152 3.30 -13.89 8.93
C ALA A 152 2.47 -13.42 10.12
N PHE A 153 2.96 -12.45 10.86
CA PHE A 153 2.32 -11.91 12.03
C PHE A 153 0.94 -11.31 11.74
N GLY A 154 0.77 -10.77 10.53
CA GLY A 154 -0.51 -10.17 10.23
C GLY A 154 -1.27 -10.96 9.19
N PHE A 155 -0.57 -11.81 8.43
CA PHE A 155 -1.27 -12.54 7.37
C PHE A 155 -1.09 -14.03 7.36
N LEU A 156 -0.58 -14.61 8.44
CA LEU A 156 -0.50 -16.07 8.38
C LEU A 156 -1.93 -16.60 8.35
N ALA A 157 -2.32 -17.45 7.43
CA ALA A 157 -3.69 -17.91 7.42
C ALA A 157 -3.95 -19.40 7.44
N LEU A 158 -4.45 -19.89 8.58
CA LEU A 158 -4.87 -21.29 8.71
C LEU A 158 -6.39 -21.30 8.73
N HIS A 159 -6.98 -21.02 7.57
CA HIS A 159 -8.42 -20.96 7.44
C HIS A 159 -9.13 -22.09 8.18
N GLY A 160 -10.10 -21.70 9.00
CA GLY A 160 -10.88 -22.68 9.74
C GLY A 160 -10.49 -22.66 11.21
N SER A 161 -9.25 -22.27 11.46
CA SER A 161 -8.76 -22.20 12.84
C SER A 161 -9.07 -20.79 13.31
N GLN A 162 -9.22 -20.56 14.59
CA GLN A 162 -9.54 -19.22 15.07
C GLN A 162 -8.28 -18.62 15.67
N GLU A 163 -7.28 -19.48 15.82
CA GLU A 163 -6.01 -19.03 16.40
C GLU A 163 -5.18 -18.25 15.39
N ALA A 164 -5.38 -18.53 14.11
CA ALA A 164 -4.68 -17.88 13.02
C ALA A 164 -5.59 -17.94 11.81
N PRO A 165 -6.64 -17.12 11.85
CA PRO A 165 -7.62 -17.08 10.79
C PRO A 165 -7.19 -16.46 9.48
N GLY A 166 -6.20 -15.57 9.53
CA GLY A 166 -5.78 -14.92 8.28
C GLY A 166 -6.41 -13.52 8.32
N ASN A 167 -5.94 -12.62 7.48
CA ASN A 167 -6.39 -11.25 7.40
C ASN A 167 -6.30 -10.42 8.66
N VAL A 168 -5.76 -10.91 9.76
CA VAL A 168 -5.71 -10.09 10.98
C VAL A 168 -5.00 -8.77 10.80
N GLY A 169 -4.09 -8.61 9.85
CA GLY A 169 -3.45 -7.32 9.57
C GLY A 169 -4.48 -6.36 8.96
N LEU A 170 -5.44 -6.91 8.22
CA LEU A 170 -6.54 -6.15 7.65
C LEU A 170 -7.47 -5.77 8.84
N LEU A 171 -7.68 -6.69 9.77
CA LEU A 171 -8.50 -6.39 10.96
C LEU A 171 -7.79 -5.32 11.79
N ASP A 172 -6.46 -5.34 11.84
CA ASP A 172 -5.74 -4.30 12.57
C ASP A 172 -6.11 -2.93 11.98
N GLN A 173 -6.18 -2.86 10.65
CA GLN A 173 -6.50 -1.57 10.05
C GLN A 173 -7.94 -1.17 10.42
N ARG A 174 -8.84 -2.14 10.33
CA ARG A 174 -10.23 -1.97 10.64
C ARG A 174 -10.37 -1.38 12.06
N MET A 175 -9.70 -2.01 13.00
CA MET A 175 -9.69 -1.62 14.39
C MET A 175 -9.25 -0.18 14.54
N ALA A 176 -8.22 0.22 13.79
CA ALA A 176 -7.75 1.58 13.96
C ALA A 176 -8.79 2.52 13.34
N LEU A 177 -9.46 2.02 12.31
CA LEU A 177 -10.47 2.81 11.60
C LEU A 177 -11.66 3.02 12.55
N GLN A 178 -11.97 1.96 13.29
CA GLN A 178 -12.99 1.92 14.31
C GLN A 178 -12.67 2.94 15.39
N TRP A 179 -11.39 3.01 15.75
CA TRP A 179 -11.00 3.96 16.79
C TRP A 179 -11.05 5.40 16.31
N VAL A 180 -10.85 5.62 15.02
CA VAL A 180 -10.88 6.96 14.45
C VAL A 180 -12.32 7.43 14.40
N HIS A 181 -13.14 6.52 13.93
CA HIS A 181 -14.56 6.65 13.86
C HIS A 181 -15.14 7.17 15.19
N ASP A 182 -14.82 6.47 16.27
CA ASP A 182 -15.21 6.72 17.61
C ASP A 182 -14.45 7.80 18.36
N ASN A 183 -13.25 8.24 17.98
CA ASN A 183 -12.58 9.21 18.83
C ASN A 183 -12.03 10.41 18.10
N ILE A 184 -12.04 10.39 16.78
CA ILE A 184 -11.45 11.51 16.04
C ILE A 184 -12.17 12.83 16.25
N GLN A 185 -13.45 12.83 16.61
CA GLN A 185 -14.17 14.08 16.91
C GLN A 185 -13.48 14.83 18.05
N PHE A 186 -12.87 14.11 19.00
CA PHE A 186 -12.18 14.81 20.08
C PHE A 186 -10.90 15.49 19.64
N PHE A 187 -10.44 15.25 18.41
CA PHE A 187 -9.21 15.86 17.93
C PHE A 187 -9.53 16.92 16.90
N GLY A 188 -10.82 17.16 16.66
CA GLY A 188 -11.21 18.19 15.70
C GLY A 188 -11.57 17.59 14.37
N GLY A 189 -11.61 16.25 14.35
CA GLY A 189 -11.92 15.63 13.07
C GLY A 189 -13.36 15.15 12.98
N ASP A 190 -13.86 15.18 11.76
CA ASP A 190 -15.19 14.74 11.45
C ASP A 190 -15.19 13.29 11.00
N PRO A 191 -15.60 12.38 11.88
CA PRO A 191 -15.70 10.97 11.62
C PRO A 191 -16.60 10.60 10.47
N LYS A 192 -17.22 11.56 9.81
CA LYS A 192 -18.13 11.26 8.69
C LYS A 192 -17.48 11.69 7.39
N THR A 193 -16.29 12.29 7.57
CA THR A 193 -15.53 12.71 6.38
C THR A 193 -14.07 12.23 6.54
N VAL A 194 -14.01 10.92 6.73
CA VAL A 194 -12.76 10.20 6.85
C VAL A 194 -12.39 9.59 5.50
N THR A 195 -11.26 10.05 4.98
CA THR A 195 -10.76 9.50 3.72
C THR A 195 -9.62 8.52 4.06
N ILE A 196 -9.71 7.30 3.58
CA ILE A 196 -8.61 6.35 3.79
C ILE A 196 -7.78 6.36 2.50
N PHE A 197 -6.47 6.44 2.67
CA PHE A 197 -5.55 6.46 1.52
C PHE A 197 -4.29 5.66 1.84
N GLY A 198 -3.77 4.99 0.81
CA GLY A 198 -2.57 4.19 0.97
C GLY A 198 -1.93 3.90 -0.38
N GLU A 199 -0.70 3.45 -0.28
CA GLU A 199 0.10 3.12 -1.46
C GLU A 199 0.45 1.64 -1.47
N SER A 200 0.50 1.17 -2.70
CA SER A 200 0.88 -0.22 -2.96
C SER A 200 0.04 -1.13 -2.08
N ALA A 201 0.55 -1.84 -1.11
CA ALA A 201 -0.27 -2.77 -0.33
C ALA A 201 -1.33 -2.01 0.51
N GLY A 202 -1.10 -0.74 0.77
CA GLY A 202 -1.90 0.23 1.47
C GLY A 202 -3.08 0.55 0.54
N GLY A 203 -2.73 0.77 -0.72
CA GLY A 203 -3.74 1.05 -1.73
C GLY A 203 -4.61 -0.20 -1.90
N ALA A 204 -4.03 -1.39 -1.84
CA ALA A 204 -4.81 -2.60 -2.01
C ALA A 204 -5.71 -2.76 -0.77
N SER A 205 -5.14 -2.40 0.36
CA SER A 205 -5.83 -2.47 1.64
C SER A 205 -7.10 -1.61 1.62
N VAL A 206 -6.94 -0.38 1.14
CA VAL A 206 -8.02 0.56 0.94
C VAL A 206 -9.12 -0.08 0.13
N GLY A 207 -8.83 -0.57 -1.06
CA GLY A 207 -9.79 -1.22 -1.93
C GLY A 207 -10.44 -2.41 -1.23
N MET A 208 -9.71 -3.04 -0.32
CA MET A 208 -10.26 -4.21 0.36
C MET A 208 -11.29 -3.79 1.40
N HIS A 209 -11.08 -2.65 2.01
CA HIS A 209 -11.95 -2.07 3.01
C HIS A 209 -13.24 -1.61 2.32
N ILE A 210 -13.14 -1.23 1.07
CA ILE A 210 -14.23 -0.82 0.21
C ILE A 210 -15.11 -2.01 -0.14
N LEU A 211 -14.47 -3.18 -0.16
CA LEU A 211 -15.15 -4.40 -0.51
C LEU A 211 -15.66 -5.13 0.73
N SER A 212 -14.89 -5.19 1.81
CA SER A 212 -15.32 -5.88 3.01
C SER A 212 -16.52 -5.20 3.69
N PRO A 213 -17.65 -5.88 3.75
CA PRO A 213 -18.84 -5.36 4.40
C PRO A 213 -18.51 -4.79 5.77
N GLY A 214 -17.80 -5.51 6.60
CA GLY A 214 -17.42 -5.07 7.93
C GLY A 214 -16.56 -3.84 8.01
N SER A 215 -16.18 -3.20 6.90
CA SER A 215 -15.33 -2.05 6.93
C SER A 215 -15.95 -0.83 6.28
N ARG A 216 -16.78 -1.06 5.27
CA ARG A 216 -17.35 0.07 4.55
C ARG A 216 -17.95 1.18 5.41
N ASP A 217 -18.48 0.92 6.60
CA ASP A 217 -19.11 2.07 7.29
C ASP A 217 -18.10 2.92 8.03
N LEU A 218 -16.85 2.44 8.18
CA LEU A 218 -15.85 3.19 8.94
C LEU A 218 -15.20 4.33 8.20
N PHE A 219 -15.54 4.60 6.94
CA PHE A 219 -14.87 5.73 6.29
C PHE A 219 -15.76 6.15 5.17
N ARG A 220 -15.55 7.28 4.55
CA ARG A 220 -16.34 7.84 3.51
C ARG A 220 -15.86 7.82 2.07
N ARG A 221 -14.56 8.11 1.95
CA ARG A 221 -13.88 8.19 0.67
C ARG A 221 -12.55 7.45 0.64
N ALA A 222 -12.13 7.05 -0.56
CA ALA A 222 -10.86 6.32 -0.67
C ALA A 222 -9.96 6.78 -1.80
N ILE A 223 -8.68 6.76 -1.44
CA ILE A 223 -7.57 7.11 -2.31
C ILE A 223 -6.63 5.88 -2.39
N LEU A 224 -6.47 5.36 -3.59
CA LEU A 224 -5.64 4.19 -3.86
C LEU A 224 -4.42 4.55 -4.75
N GLN A 225 -3.24 4.40 -4.17
CA GLN A 225 -2.00 4.73 -4.90
C GLN A 225 -1.18 3.50 -5.30
N SER A 226 -1.07 3.22 -6.58
CA SER A 226 -0.30 2.11 -7.10
C SER A 226 -0.64 0.83 -6.37
N GLY A 227 -1.91 0.51 -6.33
CA GLY A 227 -2.39 -0.67 -5.62
C GLY A 227 -3.91 -0.70 -5.74
N SER A 228 -4.41 -1.91 -5.88
CA SER A 228 -5.83 -2.15 -6.03
C SER A 228 -6.00 -3.53 -5.43
N PRO A 229 -7.15 -3.85 -4.87
CA PRO A 229 -7.36 -5.09 -4.17
C PRO A 229 -7.24 -6.32 -5.02
N ASN A 230 -7.45 -6.18 -6.32
CA ASN A 230 -7.36 -7.31 -7.23
C ASN A 230 -5.96 -7.50 -7.82
N CYS A 231 -4.91 -6.87 -7.29
CA CYS A 231 -3.55 -7.07 -7.81
C CYS A 231 -3.15 -8.53 -7.61
N PRO A 232 -2.43 -9.12 -8.53
CA PRO A 232 -2.05 -10.54 -8.49
C PRO A 232 -1.30 -10.93 -7.24
N TRP A 233 -0.63 -9.99 -6.61
CA TRP A 233 0.07 -10.22 -5.37
C TRP A 233 -0.68 -9.81 -4.11
N ALA A 234 -1.83 -9.15 -4.19
CA ALA A 234 -2.54 -8.70 -2.98
C ALA A 234 -3.30 -9.76 -2.22
N SER A 235 -3.62 -10.92 -2.76
CA SER A 235 -4.29 -11.93 -1.98
C SER A 235 -3.98 -13.33 -2.54
N VAL A 236 -4.22 -14.36 -1.76
CA VAL A 236 -4.14 -15.75 -2.13
C VAL A 236 -5.41 -16.49 -1.67
N SER A 237 -5.66 -17.65 -2.24
CA SER A 237 -6.76 -18.51 -1.86
C SER A 237 -6.56 -19.00 -0.43
N VAL A 238 -7.59 -19.57 0.19
CA VAL A 238 -7.32 -20.06 1.56
C VAL A 238 -6.47 -21.32 1.48
N ALA A 239 -6.58 -22.06 0.38
CA ALA A 239 -5.77 -23.27 0.24
C ALA A 239 -4.29 -22.87 0.17
N GLU A 240 -3.98 -21.87 -0.63
CA GLU A 240 -2.61 -21.37 -0.77
C GLU A 240 -2.11 -20.78 0.52
N GLY A 241 -3.02 -20.06 1.21
CA GLY A 241 -2.63 -19.45 2.48
C GLY A 241 -2.24 -20.56 3.47
N ARG A 242 -3.00 -21.65 3.40
CA ARG A 242 -2.75 -22.79 4.27
C ARG A 242 -1.42 -23.46 3.90
N ARG A 243 -1.21 -23.71 2.60
CA ARG A 243 0.02 -24.34 2.14
C ARG A 243 1.25 -23.56 2.60
N ARG A 244 1.25 -22.24 2.42
CA ARG A 244 2.38 -21.43 2.85
C ARG A 244 2.56 -21.42 4.36
N ALA A 245 1.46 -21.63 5.11
CA ALA A 245 1.59 -21.63 6.57
C ALA A 245 2.31 -22.90 7.03
N VAL A 246 1.93 -24.02 6.40
CA VAL A 246 2.53 -25.30 6.72
C VAL A 246 4.01 -25.26 6.35
N GLU A 247 4.26 -24.80 5.11
CA GLU A 247 5.61 -24.65 4.61
C GLU A 247 6.43 -23.81 5.58
N LEU A 248 5.80 -22.77 6.13
CA LEU A 248 6.54 -21.94 7.08
C LEU A 248 6.90 -22.80 8.27
N GLY A 249 5.97 -23.65 8.69
CA GLY A 249 6.17 -24.49 9.86
C GLY A 249 7.25 -25.54 9.56
N ARG A 250 7.20 -26.03 8.33
CA ARG A 250 8.14 -27.02 7.84
C ARG A 250 9.57 -26.46 7.95
N ASN A 251 9.74 -25.19 7.60
CA ASN A 251 10.98 -24.48 7.65
C ASN A 251 11.43 -24.21 9.08
N LEU A 252 10.53 -24.38 10.05
CA LEU A 252 10.95 -24.12 11.44
C LEU A 252 10.86 -25.40 12.24
N ASN A 253 10.76 -26.50 11.50
CA ASN A 253 10.71 -27.82 12.13
C ASN A 253 9.59 -27.90 13.15
N CYS A 254 8.41 -27.44 12.72
CA CYS A 254 7.25 -27.46 13.58
C CYS A 254 6.51 -28.78 13.43
N ASN A 255 5.84 -29.18 14.51
CA ASN A 255 4.99 -30.36 14.40
C ASN A 255 3.94 -29.94 13.40
N LEU A 256 3.66 -30.71 12.37
CA LEU A 256 2.64 -30.29 11.41
C LEU A 256 1.41 -31.19 11.51
N ASN A 257 1.28 -31.91 12.61
CA ASN A 257 0.16 -32.83 12.80
C ASN A 257 -1.18 -32.12 12.86
N SER A 258 -1.23 -30.90 13.39
CA SER A 258 -2.50 -30.18 13.45
C SER A 258 -2.29 -28.68 13.42
N ASP A 259 -3.34 -27.92 13.11
CA ASP A 259 -3.22 -26.46 13.14
C ASP A 259 -2.70 -25.99 14.49
N GLU A 260 -3.31 -26.54 15.53
CA GLU A 260 -3.02 -26.27 16.93
C GLU A 260 -1.55 -26.49 17.24
N GLU A 261 -1.00 -27.62 16.80
CA GLU A 261 0.41 -27.87 17.03
C GLU A 261 1.25 -26.89 16.21
N LEU A 262 0.88 -26.75 14.95
CA LEU A 262 1.55 -25.85 14.02
C LEU A 262 1.58 -24.43 14.57
N ILE A 263 0.41 -23.90 14.92
CA ILE A 263 0.33 -22.55 15.48
C ILE A 263 1.08 -22.47 16.80
N HIS A 264 0.91 -23.49 17.64
CA HIS A 264 1.62 -23.45 18.92
C HIS A 264 3.12 -23.32 18.71
N CYS A 265 3.65 -24.07 17.74
CA CYS A 265 5.08 -24.03 17.43
C CYS A 265 5.45 -22.64 16.94
N LEU A 266 4.65 -22.10 16.00
CA LEU A 266 4.92 -20.76 15.50
C LEU A 266 4.83 -19.69 16.57
N ARG A 267 4.09 -19.90 17.67
CA ARG A 267 4.03 -18.82 18.65
C ARG A 267 5.24 -18.89 19.57
N GLU A 268 5.87 -20.07 19.61
CA GLU A 268 7.07 -20.19 20.46
C GLU A 268 8.26 -19.55 19.74
N LYS A 269 8.26 -19.57 18.41
CA LYS A 269 9.38 -18.99 17.69
C LYS A 269 9.57 -17.51 17.97
N LYS A 270 10.82 -17.04 17.91
CA LYS A 270 11.09 -15.62 18.09
C LYS A 270 10.72 -14.95 16.77
N PRO A 271 10.31 -13.70 16.79
CA PRO A 271 9.90 -13.03 15.58
C PRO A 271 10.86 -13.18 14.41
N GLN A 272 12.15 -12.94 14.61
CA GLN A 272 13.12 -13.04 13.51
C GLN A 272 13.20 -14.43 12.89
N GLU A 273 12.93 -15.46 13.67
CA GLU A 273 12.93 -16.81 13.13
C GLU A 273 11.89 -16.96 12.04
N LEU A 274 10.73 -16.33 12.23
CA LEU A 274 9.68 -16.44 11.19
C LEU A 274 10.12 -15.58 10.00
N ILE A 275 10.69 -14.44 10.31
CA ILE A 275 11.14 -13.54 9.24
C ILE A 275 12.30 -14.17 8.45
N ASP A 276 13.25 -14.85 9.08
CA ASP A 276 14.36 -15.48 8.40
C ASP A 276 13.93 -16.44 7.29
N VAL A 277 12.85 -17.19 7.52
CA VAL A 277 12.40 -18.14 6.49
C VAL A 277 11.17 -17.72 5.74
N GLU A 278 10.69 -16.50 5.91
CA GLU A 278 9.46 -16.03 5.26
C GLU A 278 9.41 -16.15 3.75
N TRP A 279 10.49 -15.76 3.07
CA TRP A 279 10.50 -15.87 1.61
C TRP A 279 10.65 -17.29 1.10
N ASN A 280 10.91 -18.30 1.92
CA ASN A 280 11.07 -19.65 1.40
C ASN A 280 9.77 -20.35 1.08
N VAL A 281 8.62 -19.73 1.35
CA VAL A 281 7.36 -20.46 1.11
C VAL A 281 6.71 -20.01 -0.18
N LEU A 282 7.26 -19.03 -0.88
CA LEU A 282 6.61 -18.68 -2.16
C LEU A 282 6.57 -19.96 -2.98
N PRO A 283 5.53 -20.19 -3.77
CA PRO A 283 5.42 -21.39 -4.56
C PRO A 283 6.20 -21.33 -5.86
N PHE A 284 6.58 -20.14 -6.30
CA PHE A 284 7.28 -19.99 -7.56
C PHE A 284 8.49 -19.07 -7.43
N ASP A 285 9.33 -19.18 -8.44
CA ASP A 285 10.51 -18.32 -8.53
C ASP A 285 9.87 -17.08 -9.15
N SER A 286 9.85 -15.95 -8.47
CA SER A 286 9.15 -14.83 -9.05
C SER A 286 9.48 -13.49 -8.46
N ILE A 287 9.01 -12.44 -9.11
CA ILE A 287 9.26 -11.12 -8.53
C ILE A 287 7.86 -10.53 -8.25
N PHE A 288 7.79 -9.55 -7.37
CA PHE A 288 6.49 -8.96 -7.04
C PHE A 288 5.50 -9.99 -6.53
N ARG A 289 5.91 -10.86 -5.63
CA ARG A 289 5.04 -11.86 -5.02
C ARG A 289 5.50 -11.85 -3.56
N PHE A 290 4.54 -11.83 -2.63
CA PHE A 290 4.94 -11.77 -1.22
C PHE A 290 4.31 -12.98 -0.59
N SER A 291 4.91 -13.42 0.49
CA SER A 291 4.44 -14.66 1.09
C SER A 291 3.13 -14.58 1.86
N PHE A 292 3.05 -13.70 2.84
CA PHE A 292 1.84 -13.64 3.67
C PHE A 292 1.02 -12.39 3.34
N VAL A 293 -0.05 -12.69 2.62
CA VAL A 293 -0.99 -11.70 2.18
C VAL A 293 -2.44 -12.07 2.51
N PRO A 294 -3.34 -11.12 2.33
CA PRO A 294 -4.74 -11.34 2.58
C PRO A 294 -5.25 -12.58 1.87
N VAL A 295 -6.10 -13.34 2.55
CA VAL A 295 -6.71 -14.50 1.95
C VAL A 295 -8.20 -14.22 1.71
N ILE A 296 -8.68 -14.76 0.61
CA ILE A 296 -10.08 -14.66 0.23
C ILE A 296 -10.79 -15.69 1.09
N ASP A 297 -11.08 -15.36 2.35
CA ASP A 297 -11.63 -16.28 3.31
C ASP A 297 -13.14 -16.48 3.38
N GLY A 298 -14.00 -15.70 2.76
CA GLY A 298 -15.42 -15.94 2.99
C GLY A 298 -15.95 -15.12 4.16
N GLU A 299 -15.10 -14.47 4.93
CA GLU A 299 -15.47 -13.65 6.06
C GLU A 299 -15.27 -12.17 5.72
N PHE A 300 -14.01 -11.79 5.86
CA PHE A 300 -13.60 -10.44 5.52
C PHE A 300 -14.03 -10.15 4.09
N PHE A 301 -13.84 -11.12 3.20
CA PHE A 301 -14.22 -11.01 1.80
C PHE A 301 -15.29 -12.08 1.59
N PRO A 302 -16.53 -11.68 1.39
CA PRO A 302 -17.62 -12.63 1.29
C PRO A 302 -17.42 -13.62 0.16
N THR A 303 -17.13 -13.16 -1.04
CA THR A 303 -16.89 -14.05 -2.18
C THR A 303 -15.62 -13.59 -2.89
N SER A 304 -15.38 -14.17 -4.08
CA SER A 304 -14.20 -13.81 -4.85
C SER A 304 -14.21 -12.30 -5.09
N LEU A 305 -13.04 -11.66 -5.13
CA LEU A 305 -13.07 -10.22 -5.37
C LEU A 305 -13.73 -9.88 -6.68
N GLU A 306 -13.48 -10.72 -7.68
CA GLU A 306 -14.07 -10.45 -8.99
C GLU A 306 -15.58 -10.57 -8.98
N SER A 307 -16.15 -11.55 -8.25
CA SER A 307 -17.63 -11.59 -8.32
C SER A 307 -18.15 -10.36 -7.55
N MET A 308 -17.49 -9.96 -6.46
CA MET A 308 -17.92 -8.78 -5.72
C MET A 308 -17.84 -7.55 -6.63
N LEU A 309 -16.78 -7.47 -7.44
CA LEU A 309 -16.62 -6.34 -8.34
C LEU A 309 -17.65 -6.36 -9.47
N ASN A 310 -18.01 -7.54 -9.94
CA ASN A 310 -18.98 -7.65 -11.04
C ASN A 310 -20.40 -7.33 -10.60
N SER A 311 -20.75 -7.75 -9.39
CA SER A 311 -22.09 -7.54 -8.87
C SER A 311 -22.31 -6.22 -8.14
N GLY A 312 -21.33 -5.35 -8.03
CA GLY A 312 -21.49 -4.09 -7.33
C GLY A 312 -21.42 -4.30 -5.83
N ASN A 313 -21.09 -5.50 -5.37
CA ASN A 313 -20.98 -5.76 -3.95
C ASN A 313 -19.81 -5.04 -3.30
N PHE A 314 -19.92 -3.73 -3.14
CA PHE A 314 -18.90 -2.93 -2.50
C PHE A 314 -19.42 -1.53 -2.17
N LYS A 315 -18.75 -0.80 -1.28
CA LYS A 315 -19.20 0.54 -0.92
C LYS A 315 -19.10 1.50 -2.10
N LYS A 316 -20.21 2.17 -2.39
CA LYS A 316 -20.27 3.12 -3.48
C LYS A 316 -19.93 4.50 -2.93
N THR A 317 -18.88 5.11 -3.46
CA THR A 317 -18.45 6.40 -2.96
C THR A 317 -17.56 6.98 -4.06
N GLN A 318 -16.78 7.96 -3.68
CA GLN A 318 -15.87 8.57 -4.64
C GLN A 318 -14.48 7.95 -4.37
N ILE A 319 -13.75 7.73 -5.45
CA ILE A 319 -12.40 7.16 -5.30
C ILE A 319 -11.47 7.96 -6.22
N LEU A 320 -10.29 8.15 -5.66
CA LEU A 320 -9.19 8.82 -6.37
C LEU A 320 -8.06 7.78 -6.39
N LEU A 321 -7.59 7.42 -7.58
CA LEU A 321 -6.53 6.42 -7.70
C LEU A 321 -5.67 6.66 -8.95
N GLY A 322 -4.51 5.99 -8.85
CA GLY A 322 -3.54 6.10 -9.92
C GLY A 322 -2.30 5.25 -9.73
N VAL A 323 -1.45 5.41 -10.75
CA VAL A 323 -0.20 4.69 -10.87
C VAL A 323 0.96 5.59 -11.23
N ASN A 324 2.14 5.07 -10.95
CA ASN A 324 3.41 5.71 -11.34
C ASN A 324 3.84 5.16 -12.69
N LYS A 325 4.59 5.96 -13.42
CA LYS A 325 5.06 5.54 -14.73
C LYS A 325 5.92 4.26 -14.69
N ASP A 326 6.83 4.07 -13.75
CA ASP A 326 7.64 2.85 -13.76
C ASP A 326 7.56 2.03 -12.51
N GLU A 327 6.38 1.43 -12.34
CA GLU A 327 6.06 0.60 -11.22
C GLU A 327 6.90 -0.67 -11.15
N GLY A 328 7.32 -1.23 -12.28
CA GLY A 328 8.08 -2.47 -12.24
C GLY A 328 9.57 -2.35 -11.91
N SER A 329 10.19 -1.25 -12.24
CA SER A 329 11.62 -1.02 -12.09
C SER A 329 12.15 -1.51 -10.77
N PHE A 330 11.59 -1.08 -9.64
CA PHE A 330 12.07 -1.50 -8.34
C PHE A 330 12.18 -3.00 -8.13
N PHE A 331 11.20 -3.76 -8.60
CA PHE A 331 11.20 -5.20 -8.41
C PHE A 331 12.22 -5.94 -9.29
N LEU A 332 12.47 -5.43 -10.49
CA LEU A 332 13.42 -6.01 -11.42
C LEU A 332 14.83 -5.92 -10.80
N LEU A 333 15.14 -4.73 -10.32
CA LEU A 333 16.35 -4.41 -9.63
C LEU A 333 16.62 -5.41 -8.51
N TYR A 334 15.64 -5.71 -7.68
CA TYR A 334 15.90 -6.64 -6.60
C TYR A 334 15.79 -8.09 -7.02
N GLY A 335 15.10 -8.49 -8.07
CA GLY A 335 15.03 -9.93 -8.31
C GLY A 335 15.25 -10.41 -9.72
N ALA A 336 15.46 -9.52 -10.68
CA ALA A 336 15.67 -10.01 -12.04
C ALA A 336 17.17 -9.98 -12.37
N PRO A 337 17.61 -10.97 -13.11
CA PRO A 337 19.00 -11.06 -13.53
C PRO A 337 19.34 -10.03 -14.58
N GLY A 338 20.50 -9.38 -14.45
CA GLY A 338 20.91 -8.40 -15.44
C GLY A 338 20.73 -6.97 -14.95
N PHE A 339 19.98 -6.80 -13.86
CA PHE A 339 19.70 -5.47 -13.35
C PHE A 339 20.63 -5.22 -12.19
N SER A 340 21.18 -4.04 -12.10
CA SER A 340 22.06 -3.83 -10.93
C SER A 340 21.90 -2.35 -10.66
N LYS A 341 22.07 -1.93 -9.43
CA LYS A 341 21.88 -0.52 -9.13
C LYS A 341 22.78 0.41 -9.89
N ASP A 342 24.06 0.04 -10.00
CA ASP A 342 25.03 1.00 -10.55
C ASP A 342 25.26 0.91 -12.04
N SER A 343 24.59 0.08 -12.78
CA SER A 343 24.76 0.03 -14.22
C SER A 343 23.46 0.53 -14.88
N GLU A 344 23.42 0.58 -16.21
CA GLU A 344 22.27 1.03 -16.97
C GLU A 344 21.29 -0.12 -17.17
N SER A 345 21.75 -1.29 -16.73
CA SER A 345 20.95 -2.50 -16.77
C SER A 345 20.43 -2.83 -18.15
N LYS A 346 21.31 -2.74 -19.13
CA LYS A 346 20.89 -3.09 -20.51
C LYS A 346 20.64 -4.59 -20.40
N ILE A 347 19.55 -5.07 -20.94
CA ILE A 347 19.15 -6.45 -20.73
C ILE A 347 19.23 -7.24 -22.02
N SER A 348 19.83 -8.41 -21.89
CA SER A 348 20.01 -9.31 -23.01
C SER A 348 18.69 -10.01 -23.27
N ARG A 349 18.55 -10.61 -24.43
CA ARG A 349 17.35 -11.34 -24.78
C ARG A 349 17.24 -12.59 -23.90
N GLU A 350 18.39 -13.04 -23.44
CA GLU A 350 18.42 -14.21 -22.57
C GLU A 350 17.88 -13.78 -21.21
N ASP A 351 18.36 -12.64 -20.73
CA ASP A 351 17.93 -12.12 -19.43
C ASP A 351 16.47 -11.67 -19.44
N PHE A 352 16.03 -11.15 -20.57
CA PHE A 352 14.68 -10.68 -20.78
C PHE A 352 13.71 -11.85 -20.61
N MET A 353 13.98 -12.90 -21.35
CA MET A 353 13.20 -14.13 -21.35
C MET A 353 13.13 -14.70 -19.94
N SER A 354 14.23 -14.63 -19.19
CA SER A 354 14.16 -15.16 -17.83
C SER A 354 13.42 -14.15 -16.92
N GLY A 355 13.47 -12.88 -17.27
CA GLY A 355 12.78 -11.79 -16.60
C GLY A 355 11.26 -11.99 -16.74
N VAL A 356 10.78 -12.22 -17.96
CA VAL A 356 9.34 -12.41 -18.13
C VAL A 356 8.88 -13.64 -17.36
N LYS A 357 9.67 -14.68 -17.30
CA LYS A 357 9.33 -15.88 -16.54
C LYS A 357 9.16 -15.56 -15.06
N LEU A 358 9.99 -14.70 -14.49
CA LEU A 358 9.88 -14.33 -13.09
C LEU A 358 8.66 -13.44 -12.81
N SER A 359 8.27 -12.66 -13.80
CA SER A 359 7.23 -11.68 -13.78
C SER A 359 5.82 -12.25 -13.82
N VAL A 360 5.63 -13.28 -14.61
CA VAL A 360 4.39 -13.99 -14.80
C VAL A 360 4.59 -15.44 -14.41
N PRO A 361 4.84 -15.70 -13.14
CA PRO A 361 5.11 -17.04 -12.65
C PRO A 361 4.07 -18.08 -12.93
N HIS A 362 2.81 -17.70 -13.10
CA HIS A 362 1.81 -18.74 -13.31
C HIS A 362 1.59 -19.10 -14.76
N ALA A 363 2.21 -18.42 -15.72
CA ALA A 363 1.98 -18.72 -17.11
C ALA A 363 2.66 -19.97 -17.64
N ASN A 364 2.01 -20.58 -18.64
CA ASN A 364 2.61 -21.74 -19.28
C ASN A 364 3.52 -21.15 -20.35
N ASP A 365 4.18 -21.99 -21.14
CA ASP A 365 5.13 -21.45 -22.13
C ASP A 365 4.41 -20.58 -23.14
N LEU A 366 3.23 -21.03 -23.57
CA LEU A 366 2.42 -20.23 -24.48
C LEU A 366 2.13 -18.86 -23.89
N GLY A 367 1.79 -18.83 -22.60
CA GLY A 367 1.53 -17.55 -21.94
C GLY A 367 2.77 -16.67 -22.02
N LEU A 368 3.92 -17.27 -21.66
CA LEU A 368 5.19 -16.56 -21.71
C LEU A 368 5.44 -16.06 -23.13
N ASP A 369 5.11 -16.89 -24.12
CA ASP A 369 5.28 -16.46 -25.50
C ASP A 369 4.35 -15.28 -25.81
N ALA A 370 3.12 -15.37 -25.28
CA ALA A 370 2.21 -14.24 -25.58
C ALA A 370 2.79 -12.96 -24.98
N VAL A 371 3.31 -13.03 -23.77
CA VAL A 371 3.86 -11.83 -23.14
C VAL A 371 5.02 -11.25 -23.92
N THR A 372 5.94 -12.18 -24.25
CA THR A 372 7.14 -11.83 -25.03
C THR A 372 6.77 -11.20 -26.35
N LEU A 373 5.83 -11.82 -27.05
CA LEU A 373 5.42 -11.24 -28.34
C LEU A 373 4.92 -9.82 -28.17
N GLN A 374 4.08 -9.62 -27.15
CA GLN A 374 3.46 -8.34 -26.85
C GLN A 374 4.44 -7.26 -26.46
N TYR A 375 5.50 -7.63 -25.72
CA TYR A 375 6.41 -6.59 -25.27
C TYR A 375 7.75 -6.52 -26.00
N THR A 376 7.89 -7.30 -27.06
CA THR A 376 9.15 -7.29 -27.78
C THR A 376 9.07 -6.49 -29.07
N ASP A 377 10.04 -5.62 -29.24
CA ASP A 377 10.14 -4.89 -30.50
C ASP A 377 10.85 -5.86 -31.45
N TRP A 378 10.20 -6.67 -32.27
CA TRP A 378 10.90 -7.63 -33.11
C TRP A 378 11.75 -6.99 -34.19
N MET A 379 11.70 -5.70 -34.39
CA MET A 379 12.56 -5.02 -35.35
C MET A 379 13.91 -4.66 -34.73
N ASP A 380 14.04 -4.86 -33.44
CA ASP A 380 15.24 -4.54 -32.66
C ASP A 380 15.25 -5.34 -31.38
N ASP A 381 15.03 -6.65 -31.47
CA ASP A 381 14.94 -7.54 -30.32
C ASP A 381 16.22 -7.70 -29.53
N ASN A 382 17.35 -7.12 -29.93
CA ASN A 382 18.55 -7.25 -29.12
C ASN A 382 18.87 -5.94 -28.41
N ASN A 383 18.02 -4.95 -28.58
CA ASN A 383 18.22 -3.66 -27.90
C ASN A 383 18.14 -3.91 -26.40
N GLY A 384 19.18 -3.55 -25.68
CA GLY A 384 19.26 -3.76 -24.24
C GLY A 384 18.41 -2.79 -23.45
N ILE A 385 18.27 -1.58 -23.96
CA ILE A 385 17.46 -0.54 -23.34
C ILE A 385 15.98 -0.93 -23.49
N LYS A 386 15.63 -1.31 -24.71
CA LYS A 386 14.28 -1.73 -25.03
C LYS A 386 13.87 -2.97 -24.25
N ASN A 387 14.77 -3.92 -24.04
CA ASN A 387 14.45 -5.11 -23.27
C ASN A 387 14.26 -4.75 -21.80
N ARG A 388 15.07 -3.80 -21.35
CA ARG A 388 15.04 -3.34 -19.96
C ARG A 388 13.66 -2.72 -19.68
N ASP A 389 13.37 -1.70 -20.46
CA ASP A 389 12.15 -0.92 -20.43
C ASP A 389 10.94 -1.80 -20.67
N GLY A 390 11.01 -2.71 -21.63
CA GLY A 390 9.88 -3.59 -21.90
C GLY A 390 9.56 -4.44 -20.68
N LEU A 391 10.58 -4.80 -19.94
CA LEU A 391 10.45 -5.65 -18.77
C LEU A 391 9.84 -4.87 -17.61
N ASP A 392 10.21 -3.60 -17.55
CA ASP A 392 9.76 -2.65 -16.57
C ASP A 392 8.22 -2.56 -16.74
N ASP A 393 7.78 -2.36 -17.96
CA ASP A 393 6.40 -2.27 -18.32
C ASP A 393 5.69 -3.58 -18.03
N ILE A 394 6.35 -4.70 -18.34
CA ILE A 394 5.69 -5.97 -18.08
C ILE A 394 5.35 -6.08 -16.58
N VAL A 395 6.34 -5.81 -15.75
CA VAL A 395 6.12 -5.94 -14.31
C VAL A 395 5.07 -4.94 -13.77
N GLY A 396 5.12 -3.71 -14.24
CA GLY A 396 4.22 -2.65 -13.82
C GLY A 396 2.79 -2.89 -14.35
N ASP A 397 2.67 -3.16 -15.64
CA ASP A 397 1.42 -3.42 -16.28
C ASP A 397 0.69 -4.58 -15.62
N HIS A 398 1.40 -5.68 -15.36
CA HIS A 398 0.73 -6.84 -14.83
C HIS A 398 0.41 -6.83 -13.35
N ASN A 399 1.24 -6.20 -12.54
CA ASN A 399 1.09 -6.17 -11.13
C ASN A 399 0.37 -4.95 -10.55
N VAL A 400 0.38 -3.84 -11.26
CA VAL A 400 -0.16 -2.62 -10.72
C VAL A 400 -1.15 -1.94 -11.67
N ILE A 401 -0.65 -1.45 -12.79
CA ILE A 401 -1.49 -0.72 -13.73
C ILE A 401 -2.68 -1.47 -14.27
N CYS A 402 -2.59 -2.69 -14.78
CA CYS A 402 -3.78 -3.29 -15.39
C CYS A 402 -4.77 -3.81 -14.38
N PRO A 403 -4.33 -4.35 -13.28
CA PRO A 403 -5.24 -4.78 -12.23
C PRO A 403 -5.96 -3.52 -11.75
N LEU A 404 -5.27 -2.41 -11.59
CA LEU A 404 -5.88 -1.17 -11.16
C LEU A 404 -6.90 -0.66 -12.19
N MET A 405 -6.55 -0.80 -13.46
CA MET A 405 -7.44 -0.34 -14.52
C MET A 405 -8.69 -1.19 -14.57
N HIS A 406 -8.53 -2.48 -14.26
CA HIS A 406 -9.68 -3.36 -14.24
C HIS A 406 -10.61 -2.94 -13.08
N PHE A 407 -10.01 -2.62 -11.95
CA PHE A 407 -10.68 -2.22 -10.74
C PHE A 407 -11.51 -0.95 -10.99
N VAL A 408 -10.87 0.07 -11.56
CA VAL A 408 -11.55 1.33 -11.79
C VAL A 408 -12.67 1.12 -12.80
N ASN A 409 -12.48 0.27 -13.80
CA ASN A 409 -13.56 0.08 -14.76
C ASN A 409 -14.71 -0.68 -14.08
N LYS A 410 -14.44 -1.60 -13.17
CA LYS A 410 -15.54 -2.30 -12.53
C LYS A 410 -16.21 -1.38 -11.50
N TYR A 411 -15.40 -0.66 -10.74
CA TYR A 411 -15.85 0.23 -9.72
C TYR A 411 -16.74 1.36 -10.27
N THR A 412 -16.28 2.03 -11.29
CA THR A 412 -16.93 3.17 -11.90
C THR A 412 -18.30 2.86 -12.46
N LYS A 413 -18.64 1.60 -12.64
CA LYS A 413 -19.98 1.24 -13.11
C LYS A 413 -20.98 1.53 -12.00
N PHE A 414 -20.62 1.29 -10.74
CA PHE A 414 -21.45 1.50 -9.59
C PHE A 414 -21.10 2.62 -8.63
N GLY A 415 -19.93 3.20 -8.69
CA GLY A 415 -19.48 4.20 -7.76
C GLY A 415 -19.99 5.60 -8.00
N ASN A 416 -19.61 6.50 -7.11
CA ASN A 416 -20.05 7.88 -7.19
C ASN A 416 -19.00 8.85 -7.65
N GLY A 417 -18.00 8.38 -8.39
CA GLY A 417 -16.97 9.33 -8.82
C GLY A 417 -15.59 8.68 -8.67
N THR A 418 -14.96 8.60 -9.83
CA THR A 418 -13.65 8.05 -10.02
C THR A 418 -12.74 9.12 -10.58
N TYR A 419 -11.60 9.32 -9.93
CA TYR A 419 -10.64 10.29 -10.45
C TYR A 419 -9.32 9.52 -10.63
N LEU A 420 -8.78 9.50 -11.85
CA LEU A 420 -7.58 8.74 -12.18
C LEU A 420 -6.36 9.55 -12.56
N TYR A 421 -5.28 9.33 -11.84
CA TYR A 421 -4.03 10.02 -12.16
C TYR A 421 -2.94 9.03 -12.64
N PHE A 422 -1.98 9.64 -13.33
CA PHE A 422 -0.80 8.99 -13.84
C PHE A 422 0.38 9.89 -13.41
N PHE A 423 1.09 9.42 -12.41
CA PHE A 423 2.23 10.17 -11.90
C PHE A 423 3.49 9.75 -12.67
N ASN A 424 4.02 10.74 -13.41
CA ASN A 424 5.16 10.44 -14.27
C ASN A 424 6.22 11.50 -14.06
N HIS A 425 6.45 11.87 -12.80
CA HIS A 425 7.48 12.85 -12.52
C HIS A 425 8.60 12.21 -11.73
N ARG A 426 9.83 12.31 -12.24
CA ARG A 426 10.95 11.74 -11.52
C ARG A 426 11.53 12.82 -10.62
N ALA A 427 11.56 12.62 -9.32
CA ALA A 427 12.10 13.65 -8.44
C ALA A 427 13.53 13.99 -8.90
N SER A 428 13.89 15.26 -8.76
CA SER A 428 15.20 15.75 -9.13
C SER A 428 16.30 15.26 -8.22
N ASN A 429 16.01 14.99 -6.96
CA ASN A 429 16.98 14.56 -5.97
C ASN A 429 16.93 13.06 -5.71
N LEU A 430 16.47 12.30 -6.68
CA LEU A 430 16.36 10.85 -6.55
C LEU A 430 17.76 10.21 -6.60
N VAL A 431 18.06 9.31 -5.69
CA VAL A 431 19.34 8.64 -5.60
C VAL A 431 19.38 7.31 -6.33
N TRP A 432 18.23 6.87 -6.84
CA TRP A 432 18.12 5.62 -7.55
C TRP A 432 18.57 5.89 -8.98
N PRO A 433 19.14 4.89 -9.65
CA PRO A 433 19.59 5.08 -11.01
C PRO A 433 18.47 5.60 -11.89
N GLU A 434 18.80 6.40 -12.89
CA GLU A 434 17.93 6.96 -13.88
C GLU A 434 17.10 5.93 -14.62
N TRP A 435 17.60 4.72 -14.83
CA TRP A 435 16.86 3.75 -15.61
C TRP A 435 15.59 3.28 -14.90
N MET A 436 15.55 3.44 -13.59
CA MET A 436 14.40 3.00 -12.81
C MET A 436 13.19 3.91 -13.07
N GLY A 437 13.38 5.09 -13.58
CA GLY A 437 12.31 5.97 -13.98
C GLY A 437 11.53 6.61 -12.81
N VAL A 438 10.21 6.56 -12.94
CA VAL A 438 9.31 7.12 -11.92
C VAL A 438 8.86 5.90 -11.14
N ILE A 439 9.64 5.63 -10.12
CA ILE A 439 9.61 4.47 -9.30
C ILE A 439 8.43 4.37 -8.33
N HIS A 440 8.02 3.11 -8.22
CA HIS A 440 7.01 2.68 -7.31
C HIS A 440 7.29 3.29 -5.93
N GLY A 441 6.28 3.99 -5.40
CA GLY A 441 6.50 4.56 -4.09
C GLY A 441 7.01 5.97 -4.09
N TYR A 442 7.33 6.50 -5.26
CA TYR A 442 7.92 7.83 -5.28
C TYR A 442 6.96 8.98 -5.53
N GLU A 443 5.66 8.65 -5.59
CA GLU A 443 4.67 9.72 -5.59
C GLU A 443 4.48 10.14 -4.13
N ILE A 444 4.67 9.19 -3.21
CA ILE A 444 4.46 9.44 -1.80
C ILE A 444 5.10 10.70 -1.25
N GLU A 445 6.40 10.93 -1.46
CA GLU A 445 6.98 12.14 -0.87
C GLU A 445 6.25 13.40 -1.35
N PHE A 446 5.67 13.36 -2.53
CA PHE A 446 4.94 14.47 -3.10
C PHE A 446 3.57 14.66 -2.45
N VAL A 447 2.90 13.55 -2.16
CA VAL A 447 1.62 13.54 -1.49
C VAL A 447 1.79 14.06 -0.07
N PHE A 448 2.88 13.67 0.60
CA PHE A 448 3.12 14.13 1.97
C PHE A 448 3.86 15.45 2.08
N GLY A 449 4.06 16.18 0.99
CA GLY A 449 4.70 17.47 1.01
C GLY A 449 6.15 17.61 1.40
N LEU A 450 6.98 16.60 1.13
CA LEU A 450 8.42 16.70 1.44
C LEU A 450 9.07 17.80 0.63
N PRO A 451 8.72 17.99 -0.62
CA PRO A 451 9.27 19.05 -1.44
C PRO A 451 9.07 20.46 -0.89
N LEU A 452 8.40 20.66 0.25
CA LEU A 452 8.21 21.98 0.80
C LEU A 452 9.36 22.31 1.75
N VAL A 453 10.02 21.26 2.24
CA VAL A 453 11.15 21.49 3.15
C VAL A 453 12.41 21.63 2.29
N LYS A 454 12.80 22.88 2.10
CA LYS A 454 13.93 23.36 1.33
C LYS A 454 15.20 22.53 1.50
N GLU A 455 15.54 22.16 2.72
CA GLU A 455 16.72 21.38 3.01
C GLU A 455 16.70 19.99 2.38
N LEU A 456 15.64 19.63 1.66
CA LEU A 456 15.55 18.32 1.03
C LEU A 456 15.91 18.47 -0.45
N ASN A 457 16.06 19.73 -0.84
CA ASN A 457 16.56 20.11 -2.13
C ASN A 457 15.74 19.72 -3.35
N TYR A 458 14.43 19.91 -3.30
CA TYR A 458 13.57 19.57 -4.43
C TYR A 458 13.58 20.83 -5.29
N THR A 459 13.12 20.82 -6.53
CA THR A 459 13.10 22.06 -7.29
C THR A 459 11.87 22.88 -6.90
N ALA A 460 11.80 24.10 -7.42
CA ALA A 460 10.67 25.00 -7.13
C ALA A 460 9.40 24.42 -7.72
N GLU A 461 9.56 23.91 -8.93
CA GLU A 461 8.50 23.29 -9.70
C GLU A 461 7.98 22.05 -8.98
N GLU A 462 8.85 21.41 -8.19
CA GLU A 462 8.50 20.21 -7.46
C GLU A 462 7.76 20.58 -6.18
N GLU A 463 8.02 21.77 -5.67
CA GLU A 463 7.30 22.27 -4.51
C GLU A 463 5.86 22.50 -4.95
N ALA A 464 5.74 23.15 -6.10
CA ALA A 464 4.45 23.45 -6.67
C ALA A 464 3.65 22.20 -6.96
N LEU A 465 4.34 21.17 -7.46
CA LEU A 465 3.63 19.94 -7.81
C LEU A 465 3.15 19.28 -6.52
N SER A 466 3.96 19.30 -5.48
CA SER A 466 3.58 18.71 -4.21
C SER A 466 2.33 19.41 -3.64
N ARG A 467 2.33 20.73 -3.64
CA ARG A 467 1.26 21.58 -3.15
C ARG A 467 -0.01 21.26 -3.93
N ARG A 468 0.16 21.09 -5.24
CA ARG A 468 -0.97 20.77 -6.10
C ARG A 468 -1.50 19.38 -5.80
N ILE A 469 -0.62 18.43 -5.50
CA ILE A 469 -1.07 17.06 -5.24
C ILE A 469 -1.75 17.01 -3.88
N MET A 470 -1.17 17.69 -2.91
CA MET A 470 -1.68 17.74 -1.55
C MET A 470 -3.09 18.37 -1.53
N HIS A 471 -3.23 19.43 -2.31
CA HIS A 471 -4.48 20.17 -2.43
C HIS A 471 -5.50 19.28 -3.15
N TYR A 472 -5.04 18.59 -4.19
CA TYR A 472 -5.92 17.67 -4.90
C TYR A 472 -6.40 16.57 -3.95
N TRP A 473 -5.47 16.02 -3.15
CA TRP A 473 -5.82 14.92 -2.27
C TRP A 473 -6.73 15.36 -1.12
N ALA A 474 -6.43 16.50 -0.52
CA ALA A 474 -7.13 17.04 0.63
C ALA A 474 -8.49 17.55 0.16
N THR A 475 -8.49 18.26 -0.97
CA THR A 475 -9.76 18.72 -1.50
C THR A 475 -10.64 17.53 -1.81
N PHE A 476 -10.10 16.47 -2.42
CA PHE A 476 -10.94 15.33 -2.75
C PHE A 476 -11.46 14.67 -1.47
N ALA A 477 -10.63 14.61 -0.44
CA ALA A 477 -11.08 13.96 0.79
C ALA A 477 -12.24 14.75 1.43
N LYS A 478 -12.15 16.08 1.34
CA LYS A 478 -13.09 17.01 1.90
C LYS A 478 -14.46 17.02 1.20
N THR A 479 -14.44 17.02 -0.13
CA THR A 479 -15.64 17.06 -0.93
C THR A 479 -15.91 15.96 -1.92
N GLY A 480 -15.04 14.98 -2.09
CA GLY A 480 -15.30 13.92 -3.09
C GLY A 480 -14.90 14.38 -4.49
N ASN A 481 -14.25 15.51 -4.66
CA ASN A 481 -13.85 15.98 -5.98
C ASN A 481 -12.53 16.73 -5.82
N PRO A 482 -11.51 16.35 -6.59
CA PRO A 482 -10.18 16.92 -6.47
C PRO A 482 -10.11 18.40 -6.77
N ASN A 483 -10.95 18.83 -7.66
CA ASN A 483 -11.09 20.20 -8.13
C ASN A 483 -11.78 21.14 -7.15
N GLU A 484 -11.27 22.35 -6.99
CA GLU A 484 -11.91 23.34 -6.13
C GLU A 484 -13.09 23.98 -6.84
N SER A 490 -5.83 22.54 -15.67
CA SER A 490 -7.20 23.03 -15.31
C SER A 490 -7.93 22.03 -14.44
N LYS A 491 -9.01 21.48 -15.00
CA LYS A 491 -9.82 20.51 -14.28
C LYS A 491 -9.40 19.05 -14.43
N TRP A 492 -9.41 18.37 -13.28
CA TRP A 492 -9.16 16.94 -13.25
C TRP A 492 -10.51 16.30 -13.58
N PRO A 493 -10.67 15.84 -14.81
CA PRO A 493 -11.88 15.23 -15.28
C PRO A 493 -12.29 14.00 -14.50
N LEU A 494 -13.59 13.76 -14.50
CA LEU A 494 -14.13 12.57 -13.88
C LEU A 494 -13.73 11.39 -14.76
N PHE A 495 -13.42 10.24 -14.15
CA PHE A 495 -13.11 9.11 -15.00
C PHE A 495 -14.43 8.43 -15.31
N THR A 496 -14.77 8.24 -16.57
CA THR A 496 -16.01 7.57 -16.94
C THR A 496 -15.65 6.34 -17.76
N THR A 497 -16.48 5.32 -17.73
CA THR A 497 -16.22 4.12 -18.52
C THR A 497 -16.22 4.44 -20.00
N LYS A 498 -16.96 5.45 -20.44
CA LYS A 498 -16.98 5.76 -21.86
C LYS A 498 -15.77 6.59 -22.28
N GLU A 499 -15.49 7.65 -21.54
CA GLU A 499 -14.36 8.51 -21.93
C GLU A 499 -13.05 8.07 -21.29
N GLN A 500 -13.04 7.42 -20.14
CA GLN A 500 -11.81 6.95 -19.53
C GLN A 500 -10.72 8.01 -19.36
N LYS A 501 -11.08 9.27 -19.14
CA LYS A 501 -10.05 10.29 -19.01
C LYS A 501 -9.29 10.18 -17.69
N PHE A 502 -8.07 10.68 -17.74
CA PHE A 502 -7.21 10.69 -16.56
C PHE A 502 -6.24 11.83 -16.77
N ILE A 503 -5.54 12.18 -15.71
CA ILE A 503 -4.57 13.25 -15.82
C ILE A 503 -3.17 12.78 -15.45
N ASP A 504 -2.22 13.56 -15.93
CA ASP A 504 -0.82 13.42 -15.66
C ASP A 504 -0.50 14.27 -14.42
N LEU A 505 0.43 13.76 -13.63
CA LEU A 505 0.84 14.51 -12.45
C LEU A 505 2.34 14.74 -12.61
N ASN A 506 2.72 15.92 -13.09
CA ASN A 506 4.14 16.23 -13.21
C ASN A 506 4.31 17.73 -13.20
N THR A 507 5.55 18.17 -13.16
CA THR A 507 5.85 19.60 -13.12
C THR A 507 5.42 20.37 -14.34
N GLU A 508 4.92 19.69 -15.37
CA GLU A 508 4.44 20.35 -16.57
C GLU A 508 2.93 20.59 -16.41
N PRO A 509 2.37 21.46 -17.22
CA PRO A 509 0.96 21.78 -17.19
C PRO A 509 0.12 20.54 -17.45
N MET A 510 -0.59 20.07 -16.42
CA MET A 510 -1.40 18.87 -16.53
C MET A 510 -2.06 18.77 -17.90
N LYS A 511 -2.11 17.52 -18.37
CA LYS A 511 -2.70 17.21 -19.66
C LYS A 511 -3.71 16.08 -19.37
N VAL A 512 -4.76 16.04 -20.15
CA VAL A 512 -5.79 15.02 -19.96
C VAL A 512 -5.60 13.95 -21.03
N HIS A 513 -5.57 12.68 -20.62
CA HIS A 513 -5.41 11.60 -21.59
C HIS A 513 -6.58 10.63 -21.42
N GLN A 514 -6.64 9.64 -22.29
CA GLN A 514 -7.70 8.65 -22.25
C GLN A 514 -7.19 7.22 -22.31
N ARG A 515 -7.86 6.31 -21.61
CA ARG A 515 -7.53 4.91 -21.74
C ARG A 515 -6.09 4.59 -21.40
N LEU A 516 -5.72 4.71 -20.13
CA LEU A 516 -4.37 4.43 -19.67
C LEU A 516 -3.97 3.00 -20.04
N ARG A 517 -2.91 2.90 -20.83
CA ARG A 517 -2.31 1.67 -21.34
C ARG A 517 -3.31 0.61 -21.76
N VAL A 518 -4.28 1.02 -22.58
CA VAL A 518 -5.33 0.17 -23.03
C VAL A 518 -4.85 -1.13 -23.66
N GLN A 519 -4.07 -0.94 -24.73
CA GLN A 519 -3.54 -2.05 -25.52
C GLN A 519 -3.00 -3.13 -24.60
N MET A 520 -2.07 -2.74 -23.75
CA MET A 520 -1.53 -3.73 -22.80
C MET A 520 -2.54 -4.27 -21.84
N CYS A 521 -3.42 -3.41 -21.27
CA CYS A 521 -4.34 -3.97 -20.26
C CYS A 521 -5.37 -4.86 -20.92
N VAL A 522 -5.69 -4.64 -22.20
CA VAL A 522 -6.62 -5.62 -22.78
C VAL A 522 -5.85 -6.95 -22.78
N PHE A 523 -4.54 -6.90 -23.07
CA PHE A 523 -3.73 -8.10 -23.07
C PHE A 523 -3.73 -8.73 -21.69
N TRP A 524 -3.39 -7.97 -20.66
CA TRP A 524 -3.42 -8.58 -19.34
C TRP A 524 -4.79 -8.89 -18.79
N ASN A 525 -5.83 -8.08 -19.03
CA ASN A 525 -7.12 -8.32 -18.36
C ASN A 525 -8.03 -9.26 -19.10
N GLN A 526 -7.96 -9.25 -20.42
CA GLN A 526 -8.82 -10.12 -21.20
C GLN A 526 -8.06 -11.27 -21.86
N PHE A 527 -7.05 -10.96 -22.67
CA PHE A 527 -6.45 -12.02 -23.49
C PHE A 527 -5.61 -13.00 -22.70
N LEU A 528 -4.61 -12.56 -21.95
CA LEU A 528 -3.78 -13.55 -21.25
C LEU A 528 -4.62 -14.50 -20.41
N PRO A 529 -5.49 -14.02 -19.54
CA PRO A 529 -6.33 -14.86 -18.71
C PRO A 529 -7.10 -15.85 -19.55
N LYS A 530 -7.61 -15.43 -20.70
CA LYS A 530 -8.34 -16.38 -21.55
C LYS A 530 -7.37 -17.45 -22.05
N LEU A 531 -6.17 -17.04 -22.45
CA LEU A 531 -5.15 -17.94 -22.94
C LEU A 531 -4.81 -19.04 -21.94
N LEU A 532 -4.44 -18.64 -20.73
CA LEU A 532 -4.06 -19.58 -19.68
C LEU A 532 -5.19 -20.50 -19.26
N ASN A 533 -6.43 -20.06 -19.42
CA ASN A 533 -7.57 -20.91 -19.08
C ASN A 533 -7.77 -21.93 -20.20
N ALA A 534 -7.64 -21.49 -21.45
CA ALA A 534 -7.83 -22.37 -22.58
C ALA A 534 -6.83 -23.52 -22.54
N THR A 535 -5.56 -23.14 -22.64
CA THR A 535 -4.45 -24.07 -22.62
C THR A 535 -4.55 -24.99 -21.43
C1 EDR B . 8.12 -2.19 -0.73
C2 EDR B . 7.54 -1.01 -1.18
C3 EDR B . 6.45 -1.13 -2.06
C4 EDR B . 5.99 -2.38 -2.46
C5 EDR B . 6.63 -3.55 -2.02
C6 EDR B . 7.69 -3.46 -1.14
O4 EDR B . 4.98 -2.49 -3.36
N2 EDR B . 7.93 0.36 -0.76
C7 EDR B . 6.76 1.36 -0.91
C8 EDR B . 8.30 0.30 0.75
C9 EDR B . 9.11 0.85 -1.62
C10 EDR B . 8.84 1.31 -3.09
#